data_1EGJ
#
_entry.id   1EGJ
#
_cell.length_a   77.610
_cell.length_b   77.610
_cell.length_c   296.250
_cell.angle_alpha   90.00
_cell.angle_beta   90.00
_cell.angle_gamma   90.00
#
_symmetry.space_group_name_H-M   'P 41 21 2'
#
loop_
_entity.id
_entity.type
_entity.pdbx_description
1 polymer 'CYTOKINE RECEPTOR COMMON BETA CHAIN PRECURSOR'
2 polymer 'ANTIBODY (LIGHT CHAIN)'
3 polymer 'ANTIBODY (HEAVY CHAIN)'
4 non-polymer 2-acetamido-2-deoxy-beta-D-glucopyranose
5 water water
#
loop_
_entity_poly.entity_id
_entity_poly.type
_entity_poly.pdbx_seq_one_letter_code
_entity_poly.pdbx_strand_id
1 'polypeptide(L)'
;IQMAPPSLNVTKDGDSYSLRWETMKMRYEHIDHTFEIQYRKDTATWKDSKTETLQNAHSMALPALEPSTRYWARVRVRTS
RTGYNGIWSEWSEARSWDTES
;
A
2 'polypeptide(L)'
;NIVLTQSPASLAVSLGQRATISCRANESVYSYGDSFMHWYQQKPGQPPKLLIYLASNLASGVPARFSGSGSRTDFTLTID
PVETDDAATYYCQQNNEDPWTFGGGTKLEIKRGDAAPTVSIFPPSSEQLTSGGASVVCFLNNFYPKDANVAWKIDGSERQ
NGVLNSWTDQDSKDSTYSMSSTLTLTKDEYERHNSYTCEATHKTSTSPIVKSFNR
;
L
3 'polypeptide(L)'
;EVQLQQSGPELVKPGTSVKMSCKASGYTFTDYYMKWVKHSHGKSLEWIGDINPSNGGTLYNQKFKGKATLTVDKSSSTAS
MQLSRLTSEDSAVYYCSRGDGIHGGFAYWGQGTTVTVSSAKTTAPSVYPLAPVCGDTTGSSVTLGCLVKGYFPEPVTLTW
NSGSLSSGVHTFPAVLQSDLYTLSSSVTVTSSTWPSQSITCNVAHPASSTKVDKKIVPQV
;
H
#
# COMPACT_ATOMS: atom_id res chain seq x y z
N ILE A 1 15.07 30.69 2.33
CA ILE A 1 15.83 30.28 1.13
C ILE A 1 15.26 30.93 -0.15
N GLN A 2 16.13 31.14 -1.14
CA GLN A 2 15.73 31.75 -2.40
C GLN A 2 16.18 30.93 -3.58
N MET A 3 15.32 30.85 -4.58
CA MET A 3 15.63 30.10 -5.78
C MET A 3 16.71 30.71 -6.64
N ALA A 4 17.28 29.87 -7.49
CA ALA A 4 18.33 30.27 -8.39
C ALA A 4 17.73 30.88 -9.65
N PRO A 5 18.45 31.84 -10.26
CA PRO A 5 17.91 32.45 -11.47
C PRO A 5 17.59 31.40 -12.51
N PRO A 6 16.36 31.43 -13.04
CA PRO A 6 15.96 30.46 -14.06
C PRO A 6 16.84 30.58 -15.31
N SER A 7 16.74 29.62 -16.21
CA SER A 7 17.54 29.61 -17.43
C SER A 7 16.72 29.93 -18.68
N LEU A 8 17.09 31.01 -19.36
CA LEU A 8 16.41 31.49 -20.55
C LEU A 8 17.04 31.11 -21.89
N ASN A 9 16.18 31.01 -22.90
CA ASN A 9 16.58 30.72 -24.25
C ASN A 9 15.46 31.15 -25.18
N VAL A 10 15.79 31.43 -26.42
CA VAL A 10 14.79 31.91 -27.36
C VAL A 10 14.72 31.04 -28.59
N THR A 11 13.51 30.66 -28.97
CA THR A 11 13.40 29.83 -30.15
C THR A 11 12.46 30.45 -31.14
N LYS A 12 12.66 30.09 -32.40
CA LYS A 12 11.88 30.61 -33.51
C LYS A 12 11.22 29.51 -34.32
N ASP A 13 10.12 29.87 -34.97
CA ASP A 13 9.37 28.97 -35.83
C ASP A 13 8.84 29.89 -36.92
N GLY A 14 9.36 29.76 -38.13
CA GLY A 14 8.89 30.66 -39.17
C GLY A 14 9.37 32.03 -38.72
N ASP A 15 8.47 32.82 -38.13
CA ASP A 15 8.83 34.14 -37.64
C ASP A 15 8.11 34.50 -36.33
N SER A 16 7.59 33.47 -35.69
CA SER A 16 6.91 33.62 -34.42
C SER A 16 7.90 33.17 -33.34
N TYR A 17 8.28 34.09 -32.47
CA TYR A 17 9.25 33.77 -31.42
C TYR A 17 8.63 33.24 -30.15
N SER A 18 9.48 32.87 -29.21
CA SER A 18 9.00 32.34 -27.96
C SER A 18 10.13 32.18 -26.96
N LEU A 19 9.82 32.55 -25.73
CA LEU A 19 10.76 32.48 -24.65
C LEU A 19 10.49 31.23 -23.84
N ARG A 20 11.55 30.46 -23.64
CA ARG A 20 11.49 29.20 -22.90
C ARG A 20 12.44 29.30 -21.70
N TRP A 21 12.06 28.67 -20.59
CA TRP A 21 12.91 28.73 -19.40
C TRP A 21 12.62 27.60 -18.43
N GLU A 22 13.64 27.24 -17.64
CA GLU A 22 13.53 26.16 -16.66
C GLU A 22 14.22 26.52 -15.35
N THR A 23 13.81 25.86 -14.27
CA THR A 23 14.42 26.11 -12.97
C THR A 23 15.29 24.93 -12.58
N MET A 24 15.89 25.04 -11.41
CA MET A 24 16.76 23.97 -10.94
C MET A 24 15.99 22.73 -10.52
N LYS A 25 15.02 22.90 -9.64
CA LYS A 25 14.23 21.80 -9.11
C LYS A 25 12.78 21.96 -9.57
N MET A 26 12.06 20.84 -9.74
CA MET A 26 10.68 20.91 -10.16
C MET A 26 9.84 21.41 -8.97
N ARG A 27 8.89 22.28 -9.28
CA ARG A 27 8.03 22.85 -8.25
C ARG A 27 7.20 21.82 -7.53
N TYR A 28 6.97 22.09 -6.25
CA TYR A 28 6.15 21.20 -5.46
C TYR A 28 4.75 21.41 -5.99
N GLU A 29 3.91 20.41 -5.82
CA GLU A 29 2.54 20.47 -6.29
C GLU A 29 1.68 21.43 -5.48
N HIS A 30 2.02 21.56 -4.21
CA HIS A 30 1.25 22.43 -3.33
C HIS A 30 1.87 23.80 -3.23
N ILE A 31 2.59 24.21 -4.26
CA ILE A 31 3.25 25.51 -4.27
C ILE A 31 3.34 25.94 -5.72
N ASP A 32 2.98 27.19 -6.00
CA ASP A 32 3.05 27.71 -7.37
C ASP A 32 4.38 28.43 -7.57
N HIS A 33 4.79 28.58 -8.82
CA HIS A 33 6.02 29.28 -9.08
C HIS A 33 5.57 30.45 -9.91
N THR A 34 5.80 31.66 -9.40
CA THR A 34 5.40 32.86 -10.11
C THR A 34 6.61 33.41 -10.86
N PHE A 35 6.45 33.58 -12.17
CA PHE A 35 7.50 34.07 -13.05
C PHE A 35 7.27 35.49 -13.60
N GLU A 36 8.31 36.32 -13.59
CA GLU A 36 8.19 37.67 -14.14
C GLU A 36 9.03 37.67 -15.39
N ILE A 37 8.36 37.94 -16.50
CA ILE A 37 8.99 37.92 -17.80
C ILE A 37 9.01 39.25 -18.50
N GLN A 38 10.18 39.63 -18.99
CA GLN A 38 10.28 40.86 -19.71
C GLN A 38 11.32 40.76 -20.79
N TYR A 39 11.03 41.44 -21.90
CA TYR A 39 11.91 41.46 -23.06
C TYR A 39 11.77 42.80 -23.73
N ARG A 40 12.87 43.33 -24.26
CA ARG A 40 12.87 44.63 -24.91
C ARG A 40 13.81 44.69 -26.11
N LYS A 41 14.02 45.90 -26.63
CA LYS A 41 14.91 46.11 -27.76
C LYS A 41 16.16 46.84 -27.28
N ASP A 42 17.31 46.50 -27.87
CA ASP A 42 18.58 47.10 -27.51
C ASP A 42 18.41 48.61 -27.21
N THR A 43 17.52 49.25 -27.99
CA THR A 43 17.20 50.69 -27.89
C THR A 43 16.68 51.15 -26.53
N ALA A 44 15.60 50.54 -26.08
CA ALA A 44 15.02 50.89 -24.80
C ALA A 44 15.83 50.21 -23.70
N THR A 45 15.39 50.38 -22.44
CA THR A 45 16.06 49.75 -21.31
C THR A 45 15.04 48.96 -20.49
N TRP A 46 15.55 48.10 -19.60
CA TRP A 46 14.67 47.28 -18.78
C TRP A 46 13.65 48.15 -18.09
N LYS A 47 14.12 49.04 -17.22
CA LYS A 47 13.27 49.95 -16.48
C LYS A 47 12.05 50.41 -17.25
N ASP A 48 12.26 50.79 -18.51
CA ASP A 48 11.18 51.27 -19.36
C ASP A 48 10.40 50.21 -20.09
N SER A 49 10.45 48.97 -19.61
CA SER A 49 9.74 47.86 -20.26
C SER A 49 8.76 47.09 -19.36
N LYS A 50 7.64 46.69 -19.94
CA LYS A 50 6.59 45.94 -19.25
C LYS A 50 7.04 44.53 -18.89
N THR A 51 6.75 44.12 -17.67
CA THR A 51 7.09 42.79 -17.21
C THR A 51 5.80 42.03 -16.89
N GLU A 52 5.38 41.18 -17.81
CA GLU A 52 4.16 40.40 -17.64
C GLU A 52 4.42 39.13 -16.85
N THR A 53 3.61 38.88 -15.82
CA THR A 53 3.77 37.71 -14.98
C THR A 53 3.02 36.46 -15.48
N LEU A 54 3.44 35.30 -14.98
CA LEU A 54 2.87 34.00 -15.31
C LEU A 54 3.04 33.04 -14.13
N GLN A 55 2.25 31.98 -14.10
CA GLN A 55 2.35 31.03 -13.00
C GLN A 55 2.46 29.56 -13.45
N ASN A 56 3.45 28.86 -12.90
CA ASN A 56 3.67 27.47 -13.23
C ASN A 56 3.70 27.23 -14.73
N ALA A 57 4.59 27.93 -15.41
CA ALA A 57 4.73 27.79 -16.85
C ALA A 57 6.20 27.82 -17.18
N HIS A 58 6.57 27.28 -18.33
CA HIS A 58 7.97 27.27 -18.74
C HIS A 58 8.17 27.83 -20.11
N SER A 59 7.21 28.62 -20.59
CA SER A 59 7.33 29.19 -21.90
C SER A 59 6.37 30.35 -22.11
N MET A 60 6.60 31.12 -23.17
CA MET A 60 5.74 32.24 -23.49
C MET A 60 5.84 32.68 -24.92
N ALA A 61 4.73 32.59 -25.63
CA ALA A 61 4.68 32.97 -27.02
C ALA A 61 4.91 34.45 -27.06
N LEU A 62 5.56 34.89 -28.13
CA LEU A 62 5.85 36.30 -28.29
C LEU A 62 5.06 36.94 -29.42
N PRO A 63 4.63 38.18 -29.19
CA PRO A 63 3.86 38.95 -30.18
C PRO A 63 4.71 39.07 -31.42
N ALA A 64 4.14 39.59 -32.49
CA ALA A 64 4.89 39.78 -33.73
C ALA A 64 6.01 40.78 -33.37
N LEU A 65 7.15 40.71 -34.06
CA LEU A 65 8.26 41.62 -33.77
C LEU A 65 8.80 42.34 -35.00
N GLU A 66 9.43 43.49 -34.80
CA GLU A 66 9.97 44.26 -35.90
C GLU A 66 11.09 43.57 -36.63
N PRO A 67 10.92 43.34 -37.92
CA PRO A 67 11.99 42.67 -38.65
C PRO A 67 13.31 43.40 -38.47
N SER A 68 14.39 42.63 -38.56
CA SER A 68 15.72 43.19 -38.43
C SER A 68 15.89 44.08 -37.22
N THR A 69 16.06 43.44 -36.07
CA THR A 69 16.25 44.17 -34.83
C THR A 69 16.83 43.22 -33.78
N ARG A 70 17.46 43.79 -32.75
CA ARG A 70 18.08 43.00 -31.68
C ARG A 70 17.39 43.19 -30.36
N TYR A 71 16.77 42.12 -29.87
CA TYR A 71 16.06 42.15 -28.60
C TYR A 71 16.82 41.53 -27.43
N TRP A 72 16.14 41.55 -26.28
CA TRP A 72 16.65 41.00 -25.04
C TRP A 72 15.55 40.43 -24.18
N ALA A 73 15.93 39.64 -23.19
CA ALA A 73 14.95 39.03 -22.30
C ALA A 73 15.56 38.43 -21.04
N ARG A 74 14.81 38.55 -19.96
CA ARG A 74 15.22 38.06 -18.65
C ARG A 74 13.99 37.59 -17.92
N VAL A 75 14.22 36.67 -16.99
CA VAL A 75 13.15 36.10 -16.19
C VAL A 75 13.63 35.90 -14.78
N ARG A 76 12.67 35.83 -13.87
CA ARG A 76 12.98 35.62 -12.48
C ARG A 76 11.75 35.03 -11.79
N VAL A 77 11.98 34.24 -10.77
CA VAL A 77 10.90 33.56 -10.07
C VAL A 77 10.84 33.67 -8.56
N ARG A 78 9.64 33.40 -8.04
CA ARG A 78 9.41 33.44 -6.60
C ARG A 78 8.47 32.32 -6.23
N THR A 79 8.67 31.79 -5.05
CA THR A 79 7.85 30.71 -4.57
C THR A 79 6.64 31.20 -3.77
N SER A 80 5.43 31.04 -4.33
CA SER A 80 4.18 31.48 -3.70
C SER A 80 3.06 30.45 -3.40
N ARG A 81 2.34 30.65 -2.31
CA ARG A 81 1.27 29.72 -1.91
C ARG A 81 0.34 30.46 -0.99
N THR A 82 -0.95 30.38 -1.28
CA THR A 82 -2.01 31.03 -0.52
C THR A 82 -1.69 32.51 -0.27
N GLY A 83 -1.05 33.16 -1.23
CA GLY A 83 -0.77 34.57 -1.06
C GLY A 83 0.53 34.92 -0.36
N TYR A 84 1.17 33.96 0.27
CA TYR A 84 2.47 34.23 0.91
C TYR A 84 3.46 34.07 -0.24
N ASN A 85 4.47 34.94 -0.28
CA ASN A 85 5.44 34.86 -1.37
C ASN A 85 6.85 34.63 -0.92
N GLY A 86 7.67 34.18 -1.86
CA GLY A 86 9.05 33.94 -1.56
C GLY A 86 9.92 35.06 -2.09
N ILE A 87 11.21 34.91 -1.84
CA ILE A 87 12.22 35.85 -2.27
C ILE A 87 12.41 35.80 -3.79
N TRP A 88 12.08 36.90 -4.46
CA TRP A 88 12.26 36.98 -5.91
C TRP A 88 13.69 36.59 -6.20
N SER A 89 13.90 35.65 -7.12
CA SER A 89 15.26 35.22 -7.44
C SER A 89 16.00 36.28 -8.26
N GLU A 90 17.30 36.08 -8.42
CA GLU A 90 18.11 37.00 -9.21
C GLU A 90 17.62 36.82 -10.63
N TRP A 91 17.68 37.87 -11.43
CA TRP A 91 17.22 37.76 -12.81
C TRP A 91 17.99 36.69 -13.60
N SER A 92 17.31 36.08 -14.54
CA SER A 92 17.95 35.08 -15.35
C SER A 92 19.00 35.85 -16.14
N GLU A 93 20.02 35.18 -16.64
CA GLU A 93 21.02 35.88 -17.44
C GLU A 93 20.33 36.34 -18.72
N ALA A 94 20.54 37.61 -19.07
CA ALA A 94 19.92 38.19 -20.25
C ALA A 94 20.27 37.47 -21.55
N ARG A 95 19.25 36.94 -22.19
CA ARG A 95 19.47 36.23 -23.44
C ARG A 95 18.98 37.17 -24.53
N SER A 96 19.70 37.24 -25.64
CA SER A 96 19.26 38.13 -26.71
C SER A 96 19.26 37.42 -28.03
N TRP A 97 18.65 38.07 -29.02
CA TRP A 97 18.59 37.52 -30.35
C TRP A 97 18.42 38.64 -31.35
N ASP A 98 18.52 38.30 -32.63
CA ASP A 98 18.39 39.29 -33.68
C ASP A 98 17.34 38.84 -34.67
N THR A 99 16.18 39.51 -34.64
CA THR A 99 15.05 39.21 -35.51
C THR A 99 15.44 39.11 -36.98
N GLU A 100 14.90 38.10 -37.66
CA GLU A 100 15.19 37.89 -39.07
C GLU A 100 14.58 38.96 -39.99
N SER A 101 15.36 39.36 -40.99
CA SER A 101 14.95 40.35 -41.97
C SER A 101 14.20 39.68 -43.13
N ASN B 1 16.19 16.72 6.05
CA ASN B 1 15.22 15.60 5.94
C ASN B 1 14.41 15.51 7.22
N ILE B 2 13.16 15.99 7.15
CA ILE B 2 12.29 15.99 8.32
C ILE B 2 11.92 14.57 8.72
N VAL B 3 12.35 14.18 9.92
CA VAL B 3 12.10 12.84 10.42
C VAL B 3 10.97 12.73 11.44
N LEU B 4 9.83 12.20 10.98
CA LEU B 4 8.65 12.02 11.82
C LEU B 4 8.83 10.84 12.80
N THR B 5 8.24 10.97 13.99
CA THR B 5 8.34 9.92 15.01
C THR B 5 6.96 9.67 15.67
N GLN B 6 6.37 8.50 15.41
CA GLN B 6 5.06 8.18 15.97
C GLN B 6 5.10 7.43 17.30
N SER B 7 4.39 7.98 18.28
CA SER B 7 4.30 7.41 19.60
C SER B 7 2.83 7.22 19.99
N PRO B 8 2.47 6.03 20.47
CA PRO B 8 3.36 4.89 20.65
C PRO B 8 3.27 4.00 19.42
N ALA B 9 4.20 3.07 19.27
CA ALA B 9 4.20 2.19 18.10
C ALA B 9 2.94 1.33 17.96
N SER B 10 2.31 1.02 19.08
CA SER B 10 1.09 0.22 19.09
C SER B 10 0.36 0.46 20.39
N LEU B 11 -0.96 0.36 20.37
CA LEU B 11 -1.73 0.54 21.59
C LEU B 11 -3.08 -0.19 21.52
N ALA B 12 -3.48 -0.75 22.65
CA ALA B 12 -4.74 -1.48 22.71
C ALA B 12 -5.79 -0.68 23.47
N VAL B 13 -6.68 -0.05 22.72
CA VAL B 13 -7.75 0.76 23.32
C VAL B 13 -9.09 0.04 23.24
N SER B 14 -9.87 0.17 24.32
CA SER B 14 -11.16 -0.48 24.41
C SER B 14 -12.27 0.21 23.62
N LEU B 15 -13.14 -0.61 23.04
CA LEU B 15 -14.27 -0.11 22.26
C LEU B 15 -14.97 0.99 23.00
N GLY B 16 -15.33 2.03 22.27
CA GLY B 16 -16.02 3.14 22.90
C GLY B 16 -15.13 4.08 23.68
N GLN B 17 -13.89 3.67 23.93
CA GLN B 17 -12.98 4.53 24.66
C GLN B 17 -12.34 5.56 23.75
N ARG B 18 -11.21 6.12 24.18
CA ARG B 18 -10.52 7.13 23.40
C ARG B 18 -9.10 6.76 23.02
N ALA B 19 -8.69 7.17 21.82
CA ALA B 19 -7.36 6.86 21.34
C ALA B 19 -6.63 8.03 20.72
N THR B 20 -5.47 8.33 21.26
CA THR B 20 -4.66 9.41 20.76
C THR B 20 -3.28 8.91 20.41
N ILE B 21 -2.83 9.28 19.22
CA ILE B 21 -1.51 8.91 18.71
C ILE B 21 -0.71 10.18 18.45
N SER B 22 0.55 10.19 18.85
CA SER B 22 1.36 11.37 18.64
C SER B 22 2.43 11.19 17.58
N CYS B 23 2.71 12.27 16.87
CA CYS B 23 3.71 12.26 15.81
C CYS B 23 4.53 13.54 15.99
N ARG B 24 5.83 13.39 16.29
CA ARG B 24 6.75 14.53 16.49
C ARG B 24 7.84 14.58 15.41
N ALA B 25 8.02 15.73 14.78
CA ALA B 25 8.99 15.89 13.70
C ALA B 25 10.40 16.46 14.09
N ASN B 26 11.44 15.84 13.53
CA ASN B 26 12.85 16.23 13.74
C ASN B 26 12.80 17.75 13.69
N GLU B 27 12.25 18.34 12.64
CA GLU B 27 12.11 19.80 12.53
C GLU B 27 10.70 20.27 12.13
N SER B 28 10.47 21.58 12.13
CA SER B 28 9.13 22.08 11.79
C SER B 28 8.62 21.73 10.42
N VAL B 29 7.30 21.67 10.30
CA VAL B 29 6.64 21.31 9.06
C VAL B 29 5.69 22.41 8.58
N TYR B 30 5.72 23.53 9.28
CA TYR B 30 4.85 24.65 8.97
C TYR B 30 5.54 25.61 8.02
N SER B 31 4.72 26.33 7.25
CA SER B 31 5.17 27.33 6.29
C SER B 31 4.02 27.63 5.32
N TYR B 32 4.07 28.81 4.72
CA TYR B 32 3.02 29.24 3.81
C TYR B 32 1.66 29.20 4.46
N GLY B 33 1.67 29.43 5.78
CA GLY B 33 0.44 29.46 6.55
C GLY B 33 -0.06 28.15 7.08
N ASP B 34 0.19 27.07 6.36
CA ASP B 34 -0.29 25.76 6.79
C ASP B 34 0.82 24.85 7.32
N SER B 35 0.41 23.79 8.02
CA SER B 35 1.31 22.77 8.56
C SER B 35 1.14 21.59 7.57
N PHE B 36 2.19 21.19 6.87
CA PHE B 36 2.07 20.11 5.90
C PHE B 36 2.24 18.72 6.44
N MET B 37 1.34 18.39 7.36
CA MET B 37 1.27 17.10 8.03
C MET B 37 -0.09 16.48 7.78
N HIS B 38 -0.06 15.29 7.19
CA HIS B 38 -1.27 14.56 6.89
C HIS B 38 -1.24 13.19 7.57
N TRP B 39 -2.42 12.68 7.92
CA TRP B 39 -2.51 11.38 8.54
C TRP B 39 -3.11 10.37 7.57
N TYR B 40 -2.88 9.10 7.87
CA TYR B 40 -3.35 8.00 7.04
C TYR B 40 -3.77 6.74 7.80
N GLN B 41 -4.74 6.03 7.24
CA GLN B 41 -5.20 4.79 7.83
C GLN B 41 -4.99 3.70 6.81
N GLN B 42 -4.27 2.66 7.21
CA GLN B 42 -4.04 1.56 6.31
C GLN B 42 -4.47 0.31 6.98
N LYS B 43 -5.43 -0.35 6.37
CA LYS B 43 -5.93 -1.57 6.91
C LYS B 43 -5.19 -2.71 6.24
N PRO B 44 -4.94 -3.79 7.00
CA PRO B 44 -4.24 -4.93 6.45
C PRO B 44 -4.75 -5.25 5.05
N GLY B 45 -3.85 -5.53 4.12
CA GLY B 45 -4.26 -5.86 2.77
C GLY B 45 -4.81 -4.66 2.00
N GLN B 46 -4.94 -3.54 2.71
CA GLN B 46 -5.48 -2.34 2.09
C GLN B 46 -4.50 -1.19 2.01
N PRO B 47 -4.44 -0.54 0.83
CA PRO B 47 -3.54 0.59 0.65
C PRO B 47 -3.95 1.66 1.63
N PRO B 48 -3.07 2.64 1.85
CA PRO B 48 -3.47 3.66 2.80
C PRO B 48 -4.60 4.48 2.23
N LYS B 49 -5.36 5.10 3.11
CA LYS B 49 -6.44 5.96 2.68
C LYS B 49 -6.18 7.28 3.42
N LEU B 50 -6.48 8.39 2.75
CA LEU B 50 -6.28 9.71 3.34
C LEU B 50 -7.28 10.01 4.46
N LEU B 51 -6.76 10.18 5.68
CA LEU B 51 -7.61 10.45 6.83
C LEU B 51 -7.81 11.96 7.10
N ILE B 52 -6.74 12.63 7.53
CA ILE B 52 -6.80 14.06 7.81
C ILE B 52 -5.75 14.81 7.03
N TYR B 53 -6.14 15.86 6.32
CA TYR B 53 -5.15 16.61 5.56
C TYR B 53 -4.93 17.98 6.11
N LEU B 54 -3.72 18.50 5.93
CA LEU B 54 -3.37 19.84 6.40
C LEU B 54 -3.66 20.02 7.88
N ALA B 55 -3.13 19.05 8.63
CA ALA B 55 -3.24 19.00 10.07
C ALA B 55 -4.61 18.78 10.73
N SER B 56 -5.62 19.56 10.40
CA SER B 56 -6.90 19.38 11.07
C SER B 56 -8.07 18.99 10.16
N ASN B 57 -7.88 19.02 8.85
CA ASN B 57 -8.99 18.71 7.94
C ASN B 57 -9.29 17.24 7.71
N LEU B 58 -10.56 16.87 7.91
CA LEU B 58 -10.96 15.49 7.70
C LEU B 58 -11.20 15.26 6.25
N ALA B 59 -10.70 14.14 5.74
CA ALA B 59 -10.89 13.84 4.34
C ALA B 59 -12.31 13.41 4.03
N SER B 60 -12.79 13.84 2.86
CA SER B 60 -14.12 13.52 2.39
C SER B 60 -14.45 12.06 2.71
N GLY B 61 -15.35 11.86 3.66
CA GLY B 61 -15.74 10.50 4.00
C GLY B 61 -15.31 10.01 5.36
N VAL B 62 -14.42 10.72 6.03
CA VAL B 62 -13.98 10.25 7.34
C VAL B 62 -15.05 10.47 8.42
N PRO B 63 -15.19 9.52 9.38
CA PRO B 63 -16.16 9.60 10.48
C PRO B 63 -15.89 10.75 11.45
N ALA B 64 -16.94 11.23 12.11
CA ALA B 64 -16.81 12.33 13.06
C ALA B 64 -16.05 11.92 14.33
N ARG B 65 -15.56 10.68 14.33
CA ARG B 65 -14.83 10.13 15.48
C ARG B 65 -13.38 10.52 15.33
N PHE B 66 -13.01 10.78 14.09
CA PHE B 66 -11.65 11.13 13.76
C PHE B 66 -11.40 12.62 13.81
N SER B 67 -10.31 13.00 14.49
CA SER B 67 -9.93 14.40 14.60
C SER B 67 -8.41 14.57 14.69
N GLY B 68 -7.88 15.64 14.11
CA GLY B 68 -6.45 15.90 14.12
C GLY B 68 -6.09 17.34 14.48
N SER B 69 -5.04 17.49 15.29
CA SER B 69 -4.57 18.80 15.72
C SER B 69 -3.08 18.82 16.08
N GLY B 70 -2.44 19.96 15.82
CA GLY B 70 -1.02 20.12 16.12
C GLY B 70 -0.49 21.20 15.21
N SER B 71 0.70 21.73 15.52
CA SER B 71 1.21 22.80 14.68
C SER B 71 2.60 22.68 14.04
N ARG B 72 3.61 23.20 14.71
CA ARG B 72 4.94 23.19 14.15
C ARG B 72 5.64 21.85 14.07
N THR B 73 5.74 21.19 15.22
CA THR B 73 6.43 19.91 15.31
C THR B 73 5.71 18.78 16.01
N ASP B 74 4.69 19.11 16.78
CA ASP B 74 3.95 18.10 17.49
C ASP B 74 2.52 18.01 17.08
N PHE B 75 2.12 16.80 16.66
CA PHE B 75 0.77 16.50 16.18
C PHE B 75 0.11 15.30 16.86
N THR B 76 -1.21 15.42 17.03
CA THR B 76 -1.95 14.36 17.68
C THR B 76 -3.24 13.99 16.97
N LEU B 77 -3.29 12.73 16.57
CA LEU B 77 -4.45 12.17 15.90
C LEU B 77 -5.28 11.52 16.98
N THR B 78 -6.52 11.96 17.10
CA THR B 78 -7.41 11.41 18.13
C THR B 78 -8.62 10.70 17.54
N ILE B 79 -8.89 9.50 18.05
CA ILE B 79 -10.06 8.72 17.62
C ILE B 79 -10.91 8.59 18.87
N ASP B 80 -12.13 9.11 18.82
CA ASP B 80 -13.00 9.05 19.98
C ASP B 80 -14.45 9.16 19.54
N PRO B 81 -15.26 8.11 19.80
CA PRO B 81 -14.89 6.85 20.46
C PRO B 81 -14.30 5.83 19.49
N VAL B 82 -13.45 4.97 20.02
CA VAL B 82 -12.82 3.94 19.21
C VAL B 82 -13.81 2.90 18.73
N GLU B 83 -13.70 2.54 17.46
CA GLU B 83 -14.56 1.52 16.86
C GLU B 83 -13.73 0.34 16.36
N THR B 84 -14.42 -0.70 15.92
CA THR B 84 -13.78 -1.91 15.43
C THR B 84 -13.21 -1.66 14.06
N ASP B 85 -13.97 -0.95 13.26
CA ASP B 85 -13.56 -0.66 11.90
C ASP B 85 -12.20 0.02 11.96
N ASP B 86 -11.92 0.65 13.10
CA ASP B 86 -10.69 1.39 13.32
C ASP B 86 -9.46 0.56 13.58
N ALA B 87 -9.63 -0.74 13.72
CA ALA B 87 -8.49 -1.62 13.93
C ALA B 87 -7.63 -1.57 12.67
N ALA B 88 -6.54 -0.82 12.73
CA ALA B 88 -5.61 -0.67 11.60
C ALA B 88 -4.32 -0.06 12.10
N THR B 89 -3.45 0.25 11.14
CA THR B 89 -2.16 0.88 11.43
C THR B 89 -2.31 2.32 10.92
N TYR B 90 -1.82 3.28 11.70
CA TYR B 90 -1.90 4.70 11.34
C TYR B 90 -0.55 5.39 11.07
N TYR B 91 -0.56 6.28 10.08
CA TYR B 91 0.65 6.99 9.68
C TYR B 91 0.53 8.51 9.53
N CYS B 92 1.65 9.18 9.80
CA CYS B 92 1.68 10.62 9.64
C CYS B 92 2.75 10.80 8.62
N GLN B 93 2.51 11.71 7.69
CA GLN B 93 3.47 11.96 6.66
C GLN B 93 3.66 13.45 6.48
N GLN B 94 4.91 13.90 6.52
CA GLN B 94 5.24 15.31 6.36
C GLN B 94 5.49 15.62 4.89
N ASN B 95 5.09 16.82 4.49
CA ASN B 95 5.20 17.23 3.09
C ASN B 95 5.73 18.68 3.00
N ASN B 96 6.48 19.10 4.02
CA ASN B 96 7.03 20.46 4.10
C ASN B 96 8.25 20.67 3.21
N GLU B 97 9.23 19.78 3.35
CA GLU B 97 10.46 19.88 2.59
C GLU B 97 10.83 18.47 2.15
N ASP B 98 10.92 18.25 0.83
CA ASP B 98 11.26 16.92 0.34
C ASP B 98 12.60 16.49 0.93
N PRO B 99 12.85 15.18 1.01
CA PRO B 99 12.00 14.06 0.62
C PRO B 99 10.80 13.91 1.53
N TRP B 100 9.65 13.70 0.93
CA TRP B 100 8.41 13.50 1.67
C TRP B 100 8.71 12.30 2.56
N THR B 101 8.09 12.25 3.74
CA THR B 101 8.34 11.13 4.65
C THR B 101 7.14 10.75 5.53
N PHE B 102 7.14 9.49 5.97
CA PHE B 102 6.11 8.94 6.84
C PHE B 102 6.69 8.50 8.15
N GLY B 103 5.82 8.39 9.17
CA GLY B 103 6.26 7.95 10.48
C GLY B 103 6.49 6.45 10.49
N GLY B 104 6.78 5.88 11.65
CA GLY B 104 7.01 4.44 11.73
C GLY B 104 5.71 3.66 11.79
N GLY B 105 4.63 4.37 12.02
CA GLY B 105 3.34 3.72 12.10
C GLY B 105 2.93 3.43 13.53
N THR B 106 1.62 3.30 13.74
CA THR B 106 1.04 3.01 15.04
C THR B 106 -0.12 2.05 14.77
N LYS B 107 -0.02 0.81 15.24
CA LYS B 107 -1.10 -0.16 15.02
C LYS B 107 -1.90 -0.28 16.30
N LEU B 108 -3.19 0.07 16.25
CA LEU B 108 -4.02 -0.02 17.45
C LEU B 108 -4.89 -1.24 17.38
N GLU B 109 -5.11 -1.88 18.52
CA GLU B 109 -5.94 -3.05 18.53
C GLU B 109 -7.11 -2.85 19.45
N ILE B 110 -8.28 -2.88 18.85
CA ILE B 110 -9.51 -2.71 19.58
C ILE B 110 -9.57 -3.76 20.69
N LYS B 111 -9.99 -3.33 21.86
CA LYS B 111 -10.06 -4.22 23.01
C LYS B 111 -11.53 -4.57 23.21
N ARG B 112 -11.81 -5.78 23.68
CA ARG B 112 -13.18 -6.18 23.88
C ARG B 112 -13.31 -7.42 24.78
N GLY B 113 -14.54 -7.87 25.01
CA GLY B 113 -14.75 -9.03 25.85
C GLY B 113 -13.94 -10.20 25.33
N ASP B 114 -13.63 -11.16 26.20
CA ASP B 114 -12.84 -12.30 25.79
C ASP B 114 -13.65 -13.28 24.92
N ALA B 115 -12.99 -14.07 24.09
CA ALA B 115 -13.69 -15.03 23.24
C ALA B 115 -12.88 -16.31 23.09
N ALA B 116 -13.56 -17.44 23.27
CA ALA B 116 -12.89 -18.72 23.18
C ALA B 116 -12.70 -19.15 21.74
N PRO B 117 -11.61 -19.88 21.48
CA PRO B 117 -11.29 -20.36 20.13
C PRO B 117 -12.26 -21.45 19.73
N THR B 118 -12.60 -21.46 18.43
CA THR B 118 -13.49 -22.47 17.90
C THR B 118 -12.61 -23.40 17.09
N VAL B 119 -12.22 -24.50 17.74
CA VAL B 119 -11.35 -25.47 17.12
C VAL B 119 -12.00 -26.41 16.16
N SER B 120 -11.32 -26.63 15.05
CA SER B 120 -11.77 -27.54 14.02
C SER B 120 -10.55 -28.34 13.61
N ILE B 121 -10.74 -29.63 13.29
CA ILE B 121 -9.64 -30.49 12.89
C ILE B 121 -9.91 -31.15 11.53
N PHE B 122 -8.90 -31.18 10.66
CA PHE B 122 -9.03 -31.76 9.33
C PHE B 122 -7.89 -32.71 9.00
N PRO B 123 -8.22 -33.96 8.65
CA PRO B 123 -7.20 -34.95 8.31
C PRO B 123 -6.75 -34.75 6.87
N PRO B 124 -5.59 -35.32 6.50
CA PRO B 124 -5.05 -35.20 5.14
C PRO B 124 -6.06 -35.74 4.15
N SER B 125 -6.22 -35.05 3.03
CA SER B 125 -7.18 -35.44 2.01
C SER B 125 -6.68 -36.53 1.09
N SER B 126 -7.64 -37.21 0.48
CA SER B 126 -7.31 -38.29 -0.42
C SER B 126 -6.47 -37.76 -1.57
N GLU B 127 -6.59 -36.47 -1.86
CA GLU B 127 -5.81 -35.92 -2.94
C GLU B 127 -4.35 -35.78 -2.58
N GLN B 128 -4.07 -35.10 -1.48
CA GLN B 128 -2.70 -34.90 -1.05
C GLN B 128 -2.00 -36.21 -0.91
N LEU B 129 -2.69 -37.13 -0.24
CA LEU B 129 -2.17 -38.44 0.01
C LEU B 129 -1.61 -39.13 -1.25
N THR B 130 -2.39 -39.12 -2.33
CA THR B 130 -2.00 -39.77 -3.59
C THR B 130 -0.65 -39.35 -4.15
N SER B 131 0.04 -38.48 -3.44
CA SER B 131 1.35 -38.04 -3.89
C SER B 131 2.33 -37.97 -2.71
N GLY B 132 2.27 -38.98 -1.84
CA GLY B 132 3.16 -39.03 -0.69
C GLY B 132 3.09 -37.82 0.24
N GLY B 133 1.94 -37.16 0.30
CA GLY B 133 1.81 -36.01 1.18
C GLY B 133 0.73 -36.19 2.22
N ALA B 134 1.02 -35.79 3.46
CA ALA B 134 0.04 -35.91 4.55
C ALA B 134 0.10 -34.72 5.49
N SER B 135 -0.87 -33.82 5.35
CA SER B 135 -0.91 -32.64 6.17
C SER B 135 -2.22 -32.52 6.94
N VAL B 136 -2.08 -32.34 8.24
CA VAL B 136 -3.23 -32.19 9.11
C VAL B 136 -3.36 -30.72 9.47
N VAL B 137 -4.57 -30.20 9.33
CA VAL B 137 -4.86 -28.81 9.62
C VAL B 137 -5.84 -28.63 10.78
N CYS B 138 -5.58 -27.64 11.63
CA CYS B 138 -6.44 -27.37 12.77
C CYS B 138 -6.73 -25.87 12.85
N PHE B 139 -8.01 -25.50 12.73
CA PHE B 139 -8.41 -24.11 12.77
C PHE B 139 -8.87 -23.65 14.15
N LEU B 140 -8.44 -22.45 14.49
CA LEU B 140 -8.77 -21.84 15.76
C LEU B 140 -9.31 -20.47 15.36
N ASN B 141 -10.63 -20.37 15.27
CA ASN B 141 -11.18 -19.14 14.83
C ASN B 141 -11.91 -18.29 15.82
N ASN B 142 -11.89 -16.99 15.51
CA ASN B 142 -12.55 -15.96 16.28
C ASN B 142 -12.31 -15.96 17.78
N PHE B 143 -11.09 -15.71 18.20
CA PHE B 143 -10.78 -15.67 19.62
C PHE B 143 -10.16 -14.33 19.99
N TYR B 144 -10.21 -14.01 21.29
CA TYR B 144 -9.63 -12.78 21.81
C TYR B 144 -9.41 -12.99 23.31
N PRO B 145 -8.26 -12.57 23.87
CA PRO B 145 -7.09 -11.90 23.29
C PRO B 145 -6.41 -12.67 22.16
N LYS B 146 -5.30 -12.15 21.66
CA LYS B 146 -4.61 -12.84 20.59
C LYS B 146 -3.52 -13.79 21.05
N ASP B 147 -3.60 -14.25 22.28
CA ASP B 147 -2.60 -15.17 22.80
C ASP B 147 -3.20 -16.55 22.92
N ALA B 148 -3.20 -17.28 21.81
CA ALA B 148 -3.73 -18.63 21.81
C ALA B 148 -2.53 -19.53 21.59
N ASN B 149 -2.39 -20.54 22.45
CA ASN B 149 -1.27 -21.45 22.35
C ASN B 149 -1.69 -22.87 21.98
N VAL B 150 -1.00 -23.48 21.02
CA VAL B 150 -1.35 -24.84 20.62
C VAL B 150 -0.28 -25.83 20.97
N ALA B 151 -0.60 -27.11 20.75
CA ALA B 151 0.29 -28.22 21.00
C ALA B 151 -0.43 -29.38 20.37
N TRP B 152 0.31 -30.27 19.74
CA TRP B 152 -0.28 -31.43 19.08
C TRP B 152 0.07 -32.76 19.75
N LYS B 153 -0.89 -33.68 19.73
CA LYS B 153 -0.69 -35.00 20.32
C LYS B 153 -1.03 -36.11 19.34
N ILE B 154 -0.04 -36.95 19.06
CA ILE B 154 -0.21 -38.08 18.14
C ILE B 154 -0.27 -39.35 18.98
N ASP B 155 -1.44 -39.99 18.99
CA ASP B 155 -1.62 -41.20 19.77
C ASP B 155 -1.03 -41.04 21.18
N GLY B 156 -1.20 -39.85 21.75
CA GLY B 156 -0.70 -39.60 23.09
C GLY B 156 0.55 -38.79 23.06
N SER B 157 1.64 -39.38 22.58
CA SER B 157 2.91 -38.68 22.51
C SER B 157 2.74 -37.29 21.91
N GLU B 158 3.45 -36.33 22.49
CA GLU B 158 3.40 -34.95 22.03
C GLU B 158 4.09 -34.86 20.68
N ARG B 159 4.07 -33.67 20.08
CA ARG B 159 4.70 -33.44 18.77
C ARG B 159 5.10 -31.97 18.56
N GLN B 160 6.37 -31.75 18.22
CA GLN B 160 6.86 -30.39 17.99
C GLN B 160 7.32 -30.19 16.56
N ASN B 161 7.83 -31.26 15.97
CA ASN B 161 8.34 -31.19 14.61
C ASN B 161 7.26 -31.07 13.53
N GLY B 162 7.48 -30.14 12.59
CA GLY B 162 6.55 -29.97 11.48
C GLY B 162 5.24 -29.26 11.77
N VAL B 163 5.25 -28.38 12.77
CA VAL B 163 4.06 -27.62 13.13
C VAL B 163 4.26 -26.16 12.74
N LEU B 164 3.41 -25.71 11.81
CA LEU B 164 3.51 -24.34 11.31
C LEU B 164 2.13 -23.67 11.25
N ASN B 165 1.91 -22.79 12.20
CA ASN B 165 0.64 -22.08 12.30
C ASN B 165 0.73 -20.63 11.89
N SER B 166 -0.39 -20.11 11.38
CA SER B 166 -0.49 -18.74 10.91
C SER B 166 -1.57 -17.97 11.67
N TRP B 167 -1.35 -16.67 11.85
CA TRP B 167 -2.29 -15.79 12.54
C TRP B 167 -2.87 -14.80 11.54
N THR B 168 -4.13 -14.44 11.67
CA THR B 168 -4.72 -13.47 10.76
C THR B 168 -4.73 -12.17 11.51
N ASP B 169 -5.08 -11.08 10.85
CA ASP B 169 -5.13 -9.78 11.52
C ASP B 169 -6.51 -9.60 12.19
N GLN B 170 -6.53 -8.91 13.33
CA GLN B 170 -7.78 -8.67 14.08
C GLN B 170 -8.94 -8.31 13.17
N ASP B 171 -10.05 -9.05 13.28
CA ASP B 171 -11.19 -8.80 12.44
C ASP B 171 -11.76 -7.40 12.68
N SER B 172 -12.25 -6.80 11.61
CA SER B 172 -12.80 -5.47 11.65
C SER B 172 -14.26 -5.39 12.05
N LYS B 173 -14.80 -6.49 12.57
CA LYS B 173 -16.20 -6.48 12.98
C LYS B 173 -16.34 -7.03 14.38
N ASP B 174 -15.77 -8.19 14.62
CA ASP B 174 -15.86 -8.78 15.94
C ASP B 174 -14.54 -8.60 16.69
N SER B 175 -13.60 -7.86 16.10
CA SER B 175 -12.32 -7.61 16.74
C SER B 175 -11.62 -8.88 17.19
N THR B 176 -12.04 -10.03 16.67
CA THR B 176 -11.42 -11.29 17.07
C THR B 176 -10.29 -11.73 16.16
N TYR B 177 -9.33 -12.43 16.75
CA TYR B 177 -8.19 -12.90 15.98
C TYR B 177 -8.49 -14.31 15.49
N SER B 178 -7.55 -14.90 14.77
CA SER B 178 -7.70 -16.25 14.26
C SER B 178 -6.36 -16.74 13.75
N MET B 179 -6.13 -18.02 13.94
CA MET B 179 -4.88 -18.63 13.49
C MET B 179 -5.14 -20.08 13.08
N SER B 180 -4.26 -20.62 12.27
CA SER B 180 -4.40 -21.99 11.81
C SER B 180 -3.06 -22.66 12.01
N SER B 181 -3.07 -23.80 12.67
CA SER B 181 -1.82 -24.51 12.90
C SER B 181 -1.82 -25.70 11.97
N THR B 182 -0.76 -25.85 11.19
CA THR B 182 -0.71 -26.97 10.28
C THR B 182 0.51 -27.83 10.48
N LEU B 183 0.24 -29.09 10.80
CA LEU B 183 1.28 -30.09 11.02
C LEU B 183 1.36 -31.00 9.81
N THR B 184 2.55 -31.08 9.24
CA THR B 184 2.79 -31.86 8.03
C THR B 184 3.68 -33.08 8.27
N LEU B 185 3.29 -34.21 7.70
CA LEU B 185 4.06 -35.45 7.85
C LEU B 185 4.21 -36.21 6.55
N THR B 186 5.06 -37.22 6.60
CA THR B 186 5.27 -38.06 5.44
C THR B 186 4.03 -38.94 5.42
N LYS B 187 3.60 -39.38 4.24
CA LYS B 187 2.40 -40.22 4.16
C LYS B 187 2.58 -41.47 5.01
N ASP B 188 3.80 -41.99 5.05
CA ASP B 188 4.12 -43.18 5.84
C ASP B 188 3.98 -42.82 7.31
N GLU B 189 4.77 -41.84 7.74
CA GLU B 189 4.73 -41.38 9.12
C GLU B 189 3.27 -41.23 9.60
N TYR B 190 2.41 -40.76 8.69
CA TYR B 190 0.99 -40.53 8.96
C TYR B 190 0.12 -41.78 9.10
N GLU B 191 0.36 -42.77 8.26
CA GLU B 191 -0.43 -43.98 8.31
C GLU B 191 0.07 -44.94 9.38
N ARG B 192 1.15 -44.54 10.07
CA ARG B 192 1.74 -45.36 11.11
C ARG B 192 1.06 -45.11 12.44
N HIS B 193 0.03 -44.29 12.45
CA HIS B 193 -0.65 -43.98 13.70
C HIS B 193 -2.14 -43.90 13.55
N ASN B 194 -2.84 -43.80 14.68
CA ASN B 194 -4.29 -43.75 14.66
C ASN B 194 -4.94 -42.40 15.00
N SER B 195 -4.88 -42.02 16.27
CA SER B 195 -5.49 -40.78 16.74
C SER B 195 -4.62 -39.54 16.68
N TYR B 196 -5.16 -38.53 16.02
CA TYR B 196 -4.48 -37.24 15.86
C TYR B 196 -5.27 -36.15 16.59
N THR B 197 -4.65 -35.61 17.64
CA THR B 197 -5.30 -34.59 18.46
C THR B 197 -4.62 -33.21 18.49
N CYS B 198 -5.44 -32.19 18.34
CA CYS B 198 -5.01 -30.80 18.35
C CYS B 198 -5.69 -30.11 19.51
N GLU B 199 -4.91 -29.46 20.36
CA GLU B 199 -5.48 -28.81 21.52
C GLU B 199 -5.02 -27.38 21.71
N ALA B 200 -5.99 -26.54 22.06
CA ALA B 200 -5.78 -25.12 22.27
C ALA B 200 -5.93 -24.66 23.71
N THR B 201 -5.00 -23.81 24.13
CA THR B 201 -4.98 -23.25 25.48
C THR B 201 -5.16 -21.73 25.43
N HIS B 202 -6.31 -21.27 25.91
CA HIS B 202 -6.65 -19.84 25.93
C HIS B 202 -7.08 -19.34 27.30
N LYS B 203 -6.83 -18.07 27.57
CA LYS B 203 -7.21 -17.44 28.83
C LYS B 203 -8.67 -17.79 29.10
N THR B 204 -9.41 -18.06 28.02
CA THR B 204 -10.83 -18.41 28.08
C THR B 204 -11.13 -19.43 29.19
N SER B 205 -10.37 -20.52 29.20
CA SER B 205 -10.53 -21.59 30.21
C SER B 205 -9.19 -22.29 30.45
N THR B 206 -8.85 -22.56 31.70
CA THR B 206 -7.59 -23.26 32.03
C THR B 206 -7.77 -24.69 31.54
N SER B 207 -8.93 -24.94 30.96
CA SER B 207 -9.26 -26.23 30.44
C SER B 207 -9.13 -26.22 28.90
N PRO B 208 -8.06 -26.85 28.38
CA PRO B 208 -7.71 -26.96 26.96
C PRO B 208 -8.84 -27.38 26.02
N ILE B 209 -8.99 -26.68 24.90
CA ILE B 209 -10.01 -27.04 23.92
C ILE B 209 -9.36 -28.07 22.99
N VAL B 210 -9.85 -29.31 23.11
CA VAL B 210 -9.31 -30.42 22.32
C VAL B 210 -10.22 -30.89 21.19
N LYS B 211 -9.60 -31.23 20.07
CA LYS B 211 -10.33 -31.73 18.93
C LYS B 211 -9.43 -32.77 18.28
N SER B 212 -9.98 -33.95 17.98
CA SER B 212 -9.19 -35.03 17.39
C SER B 212 -9.94 -35.85 16.34
N PHE B 213 -9.25 -36.82 15.73
CA PHE B 213 -9.86 -37.69 14.72
C PHE B 213 -9.18 -39.07 14.62
N ASN B 214 -9.92 -40.04 14.10
CA ASN B 214 -9.45 -41.41 13.91
C ASN B 214 -9.64 -41.75 12.44
N ARG B 215 -8.60 -42.33 11.84
CA ARG B 215 -8.65 -42.68 10.43
C ARG B 215 -9.67 -43.77 10.05
N GLU C 1 -15.64 9.13 -8.55
CA GLU C 1 -14.64 8.22 -7.93
C GLU C 1 -13.35 8.21 -8.73
N VAL C 2 -12.24 8.42 -8.04
CA VAL C 2 -10.95 8.41 -8.71
C VAL C 2 -10.50 6.95 -8.74
N GLN C 3 -9.87 6.57 -9.84
CA GLN C 3 -9.44 5.20 -10.00
C GLN C 3 -8.01 4.97 -10.42
N LEU C 4 -7.31 4.19 -9.62
CA LEU C 4 -5.93 3.87 -9.91
C LEU C 4 -5.64 2.39 -10.12
N GLN C 5 -5.81 1.92 -11.36
CA GLN C 5 -5.56 0.52 -11.71
C GLN C 5 -4.07 0.26 -11.92
N GLN C 6 -3.47 -0.49 -11.03
CA GLN C 6 -2.05 -0.81 -11.18
C GLN C 6 -1.85 -2.12 -11.92
N SER C 7 -0.64 -2.36 -12.40
CA SER C 7 -0.36 -3.61 -13.11
C SER C 7 -0.38 -4.76 -12.09
N GLY C 8 -0.28 -5.99 -12.61
CA GLY C 8 -0.31 -7.16 -11.75
C GLY C 8 1.02 -7.54 -11.13
N PRO C 9 1.02 -8.59 -10.27
CA PRO C 9 2.18 -9.14 -9.54
C PRO C 9 3.31 -9.60 -10.45
N GLU C 10 4.54 -9.40 -9.96
CA GLU C 10 5.77 -9.74 -10.68
C GLU C 10 6.80 -10.52 -9.90
N LEU C 11 7.44 -11.46 -10.58
CA LEU C 11 8.50 -12.25 -9.98
C LEU C 11 9.67 -11.96 -10.87
N VAL C 12 10.70 -11.34 -10.31
CA VAL C 12 11.86 -11.03 -11.12
C VAL C 12 13.18 -11.54 -10.57
N LYS C 13 14.04 -11.95 -11.49
CA LYS C 13 15.34 -12.48 -11.16
C LYS C 13 16.27 -11.33 -10.89
N PRO C 14 17.10 -11.46 -9.86
CA PRO C 14 18.05 -10.41 -9.49
C PRO C 14 18.76 -9.81 -10.71
N GLY C 15 19.26 -8.58 -10.56
CA GLY C 15 19.99 -7.91 -11.62
C GLY C 15 19.20 -7.39 -12.81
N THR C 16 17.96 -7.84 -12.96
CA THR C 16 17.15 -7.37 -14.08
C THR C 16 16.27 -6.20 -13.61
N SER C 17 15.27 -5.85 -14.41
CA SER C 17 14.37 -4.73 -14.08
C SER C 17 12.91 -4.92 -14.51
N VAL C 18 12.00 -4.50 -13.64
CA VAL C 18 10.56 -4.57 -13.90
C VAL C 18 10.10 -3.20 -14.39
N LYS C 19 8.85 -3.11 -14.84
CA LYS C 19 8.33 -1.84 -15.32
C LYS C 19 6.82 -1.77 -15.11
N MET C 20 6.40 -1.67 -13.85
CA MET C 20 4.98 -1.60 -13.54
C MET C 20 4.29 -0.34 -14.00
N SER C 21 2.97 -0.41 -14.06
CA SER C 21 2.16 0.71 -14.51
C SER C 21 1.01 1.02 -13.56
N CYS C 22 0.19 1.96 -13.99
CA CYS C 22 -0.92 2.42 -13.17
C CYS C 22 -1.83 3.35 -13.97
N LYS C 23 -2.99 2.83 -14.38
CA LYS C 23 -3.93 3.62 -15.18
C LYS C 23 -4.87 4.42 -14.32
N ALA C 24 -4.96 5.71 -14.65
CA ALA C 24 -5.82 6.63 -13.91
C ALA C 24 -7.12 6.92 -14.63
N SER C 25 -8.09 7.42 -13.86
CA SER C 25 -9.41 7.74 -14.35
C SER C 25 -10.25 8.38 -13.25
N GLY C 26 -11.21 9.21 -13.64
CA GLY C 26 -12.08 9.85 -12.65
C GLY C 26 -11.74 11.30 -12.40
N TYR C 27 -10.81 11.83 -13.21
CA TYR C 27 -10.36 13.23 -13.11
C TYR C 27 -9.39 13.45 -14.26
N THR C 28 -9.10 14.72 -14.56
CA THR C 28 -8.17 15.00 -15.64
C THR C 28 -6.79 14.56 -15.19
N PHE C 29 -6.20 13.67 -15.97
CA PHE C 29 -4.89 13.10 -15.68
C PHE C 29 -3.77 14.09 -15.42
N THR C 30 -3.68 15.13 -16.25
CA THR C 30 -2.64 16.16 -16.13
C THR C 30 -2.80 17.19 -15.01
N ASP C 31 -3.96 17.20 -14.37
CA ASP C 31 -4.22 18.14 -13.31
C ASP C 31 -3.45 17.86 -12.02
N TYR C 32 -3.00 16.63 -11.79
CA TYR C 32 -2.28 16.30 -10.56
C TYR C 32 -1.05 15.39 -10.73
N TYR C 33 -0.13 15.47 -9.77
CA TYR C 33 1.09 14.67 -9.77
C TYR C 33 0.80 13.24 -9.40
N MET C 34 1.65 12.35 -9.88
CA MET C 34 1.50 10.96 -9.55
C MET C 34 2.66 10.68 -8.64
N LYS C 35 2.37 10.18 -7.45
CA LYS C 35 3.43 9.91 -6.51
C LYS C 35 3.57 8.41 -6.31
N TRP C 36 4.80 7.91 -6.15
CA TRP C 36 5.04 6.48 -5.91
C TRP C 36 5.59 6.16 -4.52
N VAL C 37 5.23 4.98 -3.98
CA VAL C 37 5.64 4.60 -2.64
C VAL C 37 5.98 3.12 -2.47
N LYS C 38 7.07 2.88 -1.74
CA LYS C 38 7.51 1.52 -1.48
C LYS C 38 7.08 1.11 -0.08
N HIS C 39 6.17 0.15 -0.04
CA HIS C 39 5.65 -0.35 1.21
C HIS C 39 6.32 -1.72 1.40
N SER C 40 7.54 -1.69 1.93
CA SER C 40 8.28 -2.93 2.15
C SER C 40 7.47 -3.84 3.08
N HIS C 41 7.80 -5.13 3.10
CA HIS C 41 7.06 -6.05 3.93
C HIS C 41 7.04 -5.82 5.43
N GLY C 42 5.82 -5.71 5.98
CA GLY C 42 5.66 -5.52 7.42
C GLY C 42 6.40 -4.32 7.96
N LYS C 43 6.21 -3.19 7.28
CA LYS C 43 6.84 -1.96 7.71
C LYS C 43 6.11 -0.72 7.25
N SER C 44 6.76 0.41 7.47
CA SER C 44 6.22 1.70 7.12
C SER C 44 6.55 2.03 5.68
N LEU C 45 5.89 3.05 5.18
CA LEU C 45 6.08 3.46 3.81
C LEU C 45 7.28 4.28 3.47
N GLU C 46 7.70 4.23 2.21
CA GLU C 46 8.84 4.97 1.71
C GLU C 46 8.51 5.72 0.43
N TRP C 47 8.69 7.04 0.41
CA TRP C 47 8.39 7.81 -0.78
C TRP C 47 9.45 7.54 -1.82
N ILE C 48 9.04 7.48 -3.07
CA ILE C 48 10.00 7.23 -4.13
C ILE C 48 10.21 8.43 -5.06
N GLY C 49 9.16 9.17 -5.33
CA GLY C 49 9.30 10.33 -6.20
C GLY C 49 7.97 10.68 -6.85
N ASP C 50 7.87 11.89 -7.40
CA ASP C 50 6.63 12.29 -8.02
C ASP C 50 6.88 12.68 -9.47
N ILE C 51 5.80 12.85 -10.24
CA ILE C 51 5.92 13.27 -11.61
C ILE C 51 4.74 14.12 -12.03
N ASN C 52 5.06 15.21 -12.72
CA ASN C 52 4.04 16.09 -13.22
C ASN C 52 3.66 15.58 -14.59
N PRO C 53 2.54 14.86 -14.66
CA PRO C 53 2.03 14.29 -15.90
C PRO C 53 1.92 15.27 -17.05
N SER C 54 1.93 16.55 -16.73
CA SER C 54 1.79 17.59 -17.73
C SER C 54 3.04 17.75 -18.61
N ASN C 55 4.16 18.10 -17.97
CA ASN C 55 5.43 18.33 -18.66
C ASN C 55 6.43 17.21 -18.42
N GLY C 56 5.97 16.12 -17.80
CA GLY C 56 6.87 15.01 -17.53
C GLY C 56 7.82 15.30 -16.39
N GLY C 57 7.66 16.48 -15.78
CA GLY C 57 8.51 16.89 -14.69
C GLY C 57 8.76 15.73 -13.75
N THR C 58 9.87 15.76 -13.03
CA THR C 58 10.15 14.65 -12.13
C THR C 58 11.00 15.02 -10.94
N LEU C 59 10.71 14.41 -9.80
CA LEU C 59 11.46 14.65 -8.57
C LEU C 59 11.57 13.35 -7.80
N TYR C 60 12.79 13.01 -7.41
CA TYR C 60 12.98 11.77 -6.70
C TYR C 60 13.49 11.89 -5.31
N ASN C 61 13.29 10.82 -4.56
CA ASN C 61 13.78 10.71 -3.21
C ASN C 61 15.17 10.30 -3.65
N GLN C 62 16.19 10.67 -2.90
CA GLN C 62 17.53 10.31 -3.33
C GLN C 62 17.86 8.86 -3.07
N LYS C 63 17.29 8.27 -2.04
CA LYS C 63 17.60 6.88 -1.74
C LYS C 63 17.18 5.99 -2.90
N PHE C 64 16.30 6.51 -3.76
CA PHE C 64 15.81 5.75 -4.90
C PHE C 64 16.26 6.31 -6.25
N LYS C 65 17.17 7.28 -6.20
CA LYS C 65 17.69 7.88 -7.42
C LYS C 65 18.56 6.85 -8.14
N GLY C 66 18.32 6.67 -9.44
CA GLY C 66 19.10 5.71 -10.21
C GLY C 66 18.53 4.30 -10.18
N LYS C 67 17.56 4.08 -9.30
CA LYS C 67 16.94 2.78 -9.22
C LYS C 67 15.60 2.84 -9.96
N ALA C 68 14.80 3.83 -9.59
CA ALA C 68 13.48 4.02 -10.18
C ALA C 68 13.39 5.22 -11.11
N THR C 69 12.72 5.04 -12.23
CA THR C 69 12.52 6.12 -13.19
C THR C 69 11.03 6.20 -13.43
N LEU C 70 10.50 7.42 -13.35
CA LEU C 70 9.08 7.66 -13.52
C LEU C 70 8.70 8.17 -14.89
N THR C 71 7.76 7.49 -15.53
CA THR C 71 7.29 7.90 -16.84
C THR C 71 5.79 8.05 -16.87
N VAL C 72 5.32 8.71 -17.91
CA VAL C 72 3.91 9.00 -18.09
C VAL C 72 3.55 8.93 -19.57
N ASP C 73 2.28 8.66 -19.86
CA ASP C 73 1.75 8.62 -21.23
C ASP C 73 0.34 9.20 -21.20
N LYS C 74 0.23 10.46 -21.57
CA LYS C 74 -1.05 11.14 -21.55
C LYS C 74 -2.16 10.49 -22.37
N SER C 75 -1.94 10.27 -23.66
CA SER C 75 -2.97 9.67 -24.49
C SER C 75 -3.73 8.52 -23.83
N SER C 76 -3.04 7.73 -23.01
CA SER C 76 -3.66 6.60 -22.35
C SER C 76 -3.71 6.75 -20.83
N SER C 77 -3.49 7.98 -20.36
CA SER C 77 -3.52 8.28 -18.92
C SER C 77 -2.95 7.18 -18.03
N THR C 78 -1.68 6.85 -18.28
CA THR C 78 -1.00 5.83 -17.49
C THR C 78 0.34 6.34 -17.03
N ALA C 79 0.66 6.04 -15.78
CA ALA C 79 1.92 6.43 -15.18
C ALA C 79 2.69 5.16 -14.93
N SER C 80 3.88 5.04 -15.52
CA SER C 80 4.65 3.84 -15.31
C SER C 80 5.96 4.14 -14.63
N MET C 81 6.39 3.19 -13.83
CA MET C 81 7.64 3.29 -13.10
C MET C 81 8.55 2.10 -13.38
N GLN C 82 9.85 2.37 -13.54
CA GLN C 82 10.81 1.31 -13.81
C GLN C 82 11.86 1.16 -12.73
N LEU C 83 12.13 -0.09 -12.36
CA LEU C 83 13.11 -0.42 -11.34
C LEU C 83 14.21 -1.28 -11.93
N SER C 84 15.46 -0.82 -11.82
CA SER C 84 16.57 -1.55 -12.39
C SER C 84 17.57 -2.00 -11.33
N ARG C 85 18.45 -2.91 -11.72
CA ARG C 85 19.47 -3.44 -10.82
C ARG C 85 18.76 -4.07 -9.63
N LEU C 86 17.64 -4.68 -9.92
CA LEU C 86 16.83 -5.31 -8.88
C LEU C 86 17.60 -6.30 -8.05
N THR C 87 17.27 -6.35 -6.76
CA THR C 87 17.91 -7.23 -5.81
C THR C 87 16.93 -7.61 -4.72
N SER C 88 17.30 -8.64 -3.96
CA SER C 88 16.50 -9.16 -2.86
C SER C 88 15.80 -8.10 -2.02
N GLU C 89 16.49 -7.00 -1.80
CA GLU C 89 15.93 -5.95 -0.99
C GLU C 89 14.87 -5.11 -1.66
N ASP C 90 14.79 -5.19 -2.98
CA ASP C 90 13.77 -4.44 -3.70
C ASP C 90 12.39 -5.11 -3.57
N SER C 91 12.37 -6.33 -3.04
CA SER C 91 11.11 -7.04 -2.85
C SER C 91 10.23 -6.22 -1.93
N ALA C 92 9.12 -5.72 -2.48
CA ALA C 92 8.15 -4.93 -1.70
C ALA C 92 6.90 -4.59 -2.50
N VAL C 93 5.97 -3.88 -1.85
CA VAL C 93 4.74 -3.47 -2.53
C VAL C 93 4.89 -2.05 -2.99
N TYR C 94 4.54 -1.81 -4.24
CA TYR C 94 4.67 -0.47 -4.75
C TYR C 94 3.33 0.14 -5.11
N TYR C 95 3.04 1.30 -4.52
CA TYR C 95 1.80 2.00 -4.79
C TYR C 95 2.03 3.26 -5.65
N CYS C 96 1.01 3.66 -6.42
CA CYS C 96 1.03 4.89 -7.22
C CYS C 96 -0.09 5.67 -6.56
N SER C 97 0.11 6.95 -6.35
CA SER C 97 -0.93 7.72 -5.72
C SER C 97 -1.08 8.98 -6.54
N ARG C 98 -2.18 9.69 -6.32
CA ARG C 98 -2.43 10.93 -7.04
C ARG C 98 -2.32 12.05 -6.03
N GLY C 99 -1.75 13.18 -6.47
CA GLY C 99 -1.58 14.30 -5.57
C GLY C 99 -2.75 15.25 -5.52
N ASP C 100 -2.64 16.31 -4.73
CA ASP C 100 -3.73 17.28 -4.67
C ASP C 100 -3.29 18.72 -4.90
N GLY C 101 -2.27 19.16 -4.19
CA GLY C 101 -1.83 20.50 -4.42
C GLY C 101 -2.53 21.44 -3.48
N ILE C 102 -3.68 21.02 -2.97
CA ILE C 102 -4.37 21.84 -2.00
C ILE C 102 -3.74 21.45 -0.67
N HIS C 103 -3.06 20.31 -0.64
CA HIS C 103 -2.41 19.85 0.59
C HIS C 103 -1.10 19.15 0.24
N GLY C 104 -0.90 18.87 -1.05
CA GLY C 104 0.31 18.23 -1.50
C GLY C 104 0.54 16.93 -0.77
N GLY C 105 -0.03 15.86 -1.30
CA GLY C 105 0.15 14.60 -0.62
C GLY C 105 -0.46 13.52 -1.46
N PHE C 106 -0.66 12.36 -0.83
CA PHE C 106 -1.23 11.17 -1.47
C PHE C 106 -2.71 11.05 -1.17
N ALA C 107 -3.51 11.64 -2.06
CA ALA C 107 -4.95 11.66 -1.88
C ALA C 107 -5.68 10.40 -2.27
N TYR C 108 -5.20 9.77 -3.33
CA TYR C 108 -5.85 8.58 -3.80
C TYR C 108 -4.77 7.56 -4.05
N TRP C 109 -5.03 6.34 -3.61
CA TRP C 109 -4.07 5.26 -3.80
C TRP C 109 -4.58 4.14 -4.67
N GLY C 110 -3.63 3.45 -5.30
CA GLY C 110 -3.95 2.30 -6.12
C GLY C 110 -3.87 1.13 -5.17
N GLN C 111 -4.26 -0.04 -5.60
CA GLN C 111 -4.21 -1.18 -4.70
C GLN C 111 -2.77 -1.62 -4.42
N GLY C 112 -1.87 -1.34 -5.36
CA GLY C 112 -0.48 -1.70 -5.17
C GLY C 112 -0.02 -2.86 -6.05
N THR C 113 1.29 -2.99 -6.21
CA THR C 113 1.88 -4.07 -7.00
C THR C 113 2.90 -4.80 -6.13
N THR C 114 2.89 -6.14 -6.16
CA THR C 114 3.83 -6.94 -5.37
C THR C 114 4.96 -7.47 -6.24
N VAL C 115 6.15 -6.94 -6.04
CA VAL C 115 7.29 -7.39 -6.81
C VAL C 115 8.14 -8.29 -5.95
N THR C 116 8.44 -9.47 -6.49
CA THR C 116 9.29 -10.40 -5.79
C THR C 116 10.55 -10.59 -6.61
N VAL C 117 11.69 -10.34 -5.96
CA VAL C 117 13.00 -10.50 -6.56
C VAL C 117 13.54 -11.78 -5.92
N SER C 118 13.82 -12.78 -6.76
CA SER C 118 14.29 -14.07 -6.31
C SER C 118 14.51 -14.96 -7.53
N SER C 119 15.44 -15.91 -7.39
CA SER C 119 15.76 -16.83 -8.48
C SER C 119 15.10 -18.19 -8.31
N ALA C 120 14.10 -18.25 -7.43
CA ALA C 120 13.37 -19.48 -7.18
C ALA C 120 12.44 -19.62 -8.38
N LYS C 121 11.99 -20.83 -8.68
CA LYS C 121 11.15 -20.97 -9.85
C LYS C 121 9.67 -20.89 -9.51
N THR C 122 8.91 -20.29 -10.41
CA THR C 122 7.49 -20.19 -10.21
C THR C 122 7.04 -21.62 -10.00
N THR C 123 6.10 -21.84 -9.09
CA THR C 123 5.59 -23.19 -8.85
C THR C 123 4.10 -23.22 -8.59
N ALA C 124 3.38 -23.86 -9.50
CA ALA C 124 1.94 -23.97 -9.40
C ALA C 124 1.59 -24.48 -8.02
N PRO C 125 0.42 -24.09 -7.49
CA PRO C 125 -0.01 -24.54 -6.16
C PRO C 125 -0.75 -25.86 -6.22
N SER C 126 -0.99 -26.44 -5.06
CA SER C 126 -1.70 -27.70 -5.01
C SER C 126 -2.85 -27.51 -4.04
N VAL C 127 -4.07 -27.58 -4.56
CA VAL C 127 -5.22 -27.36 -3.72
C VAL C 127 -5.81 -28.67 -3.20
N TYR C 128 -5.83 -28.82 -1.88
CA TYR C 128 -6.36 -30.02 -1.23
C TYR C 128 -7.59 -29.75 -0.39
N PRO C 129 -8.76 -30.27 -0.81
CA PRO C 129 -9.97 -30.03 -0.04
C PRO C 129 -9.83 -30.47 1.42
N LEU C 130 -10.43 -29.71 2.32
CA LEU C 130 -10.43 -30.02 3.74
C LEU C 130 -11.86 -30.12 4.23
N ALA C 131 -12.37 -31.34 4.33
CA ALA C 131 -13.75 -31.51 4.75
C ALA C 131 -13.88 -32.05 6.19
N PRO C 132 -15.07 -31.91 6.76
CA PRO C 132 -15.25 -32.40 8.13
C PRO C 132 -15.15 -33.90 8.18
N VAL C 133 -14.90 -34.44 9.36
CA VAL C 133 -14.84 -35.89 9.54
C VAL C 133 -16.08 -36.34 10.32
N CYS C 134 -16.52 -37.59 10.13
CA CYS C 134 -17.72 -38.17 10.80
C CYS C 134 -18.11 -37.56 12.17
N GLY C 135 -19.30 -36.97 12.34
CA GLY C 135 -19.63 -36.43 13.64
C GLY C 135 -18.78 -35.21 14.01
N ASP C 136 -19.44 -34.13 14.31
CA ASP C 136 -18.75 -32.90 14.65
C ASP C 136 -19.40 -32.63 16.05
N THR C 137 -18.89 -31.71 16.89
CA THR C 137 -19.43 -31.40 18.28
C THR C 137 -20.97 -31.25 18.38
N THR C 138 -21.44 -30.01 18.54
CA THR C 138 -22.89 -29.76 18.54
C THR C 138 -23.00 -28.75 17.40
N GLY C 139 -23.03 -29.32 16.19
CA GLY C 139 -23.10 -28.55 14.97
C GLY C 139 -24.35 -27.71 14.87
N SER C 140 -24.14 -26.55 14.32
CA SER C 140 -25.19 -25.58 14.10
C SER C 140 -24.60 -25.00 12.84
N SER C 141 -23.38 -24.53 13.03
CA SER C 141 -22.58 -23.96 11.97
C SER C 141 -21.41 -24.96 11.87
N VAL C 142 -21.09 -25.36 10.64
CA VAL C 142 -20.00 -26.27 10.39
C VAL C 142 -18.87 -25.48 9.71
N THR C 143 -17.63 -25.88 9.92
CA THR C 143 -16.55 -25.16 9.27
C THR C 143 -15.81 -26.05 8.27
N LEU C 144 -15.54 -25.49 7.11
CA LEU C 144 -14.82 -26.22 6.08
C LEU C 144 -13.48 -25.54 5.82
N GLY C 145 -12.63 -26.21 5.05
CA GLY C 145 -11.33 -25.67 4.77
C GLY C 145 -10.82 -25.95 3.37
N CYS C 146 -9.74 -25.28 3.03
CA CYS C 146 -9.17 -25.43 1.72
C CYS C 146 -7.72 -25.08 1.91
N LEU C 147 -6.86 -26.07 1.68
CA LEU C 147 -5.42 -25.89 1.85
C LEU C 147 -4.69 -25.74 0.53
N VAL C 148 -3.94 -24.64 0.38
CA VAL C 148 -3.16 -24.37 -0.82
C VAL C 148 -1.69 -24.43 -0.47
N LYS C 149 -0.99 -25.46 -0.93
CA LYS C 149 0.43 -25.54 -0.60
C LYS C 149 1.44 -25.77 -1.73
N GLY C 150 2.69 -25.41 -1.41
CA GLY C 150 3.81 -25.55 -2.33
C GLY C 150 3.72 -24.67 -3.55
N TYR C 151 3.51 -23.37 -3.37
CA TYR C 151 3.42 -22.46 -4.51
C TYR C 151 4.45 -21.36 -4.43
N PHE C 152 4.64 -20.69 -5.55
CA PHE C 152 5.60 -19.60 -5.61
C PHE C 152 5.50 -18.88 -6.94
N PRO C 153 5.58 -17.54 -6.93
CA PRO C 153 5.75 -16.62 -5.81
C PRO C 153 4.41 -16.28 -5.18
N GLU C 154 4.24 -14.99 -4.89
CA GLU C 154 2.99 -14.48 -4.32
C GLU C 154 2.27 -13.68 -5.41
N PRO C 155 0.98 -13.41 -5.21
CA PRO C 155 0.19 -13.85 -4.06
C PRO C 155 -0.67 -15.00 -4.53
N VAL C 156 -1.82 -15.18 -3.91
CA VAL C 156 -2.69 -16.23 -4.37
C VAL C 156 -4.10 -15.82 -4.00
N THR C 157 -4.89 -15.53 -5.01
CA THR C 157 -6.27 -15.12 -4.81
C THR C 157 -7.15 -16.33 -4.55
N LEU C 158 -7.73 -16.37 -3.36
CA LEU C 158 -8.58 -17.46 -2.93
C LEU C 158 -9.98 -17.02 -2.53
N THR C 159 -11.00 -17.53 -3.25
CA THR C 159 -12.40 -17.18 -2.96
C THR C 159 -13.32 -18.37 -2.71
N TRP C 160 -14.51 -18.09 -2.19
CA TRP C 160 -15.46 -19.14 -1.90
C TRP C 160 -16.73 -19.01 -2.75
N ASN C 161 -16.90 -20.00 -3.61
CA ASN C 161 -18.03 -20.02 -4.50
C ASN C 161 -18.05 -18.75 -5.29
N SER C 162 -17.05 -18.59 -6.14
CA SER C 162 -16.95 -17.41 -6.95
C SER C 162 -17.13 -16.18 -6.11
N GLY C 163 -16.78 -16.30 -4.84
CA GLY C 163 -16.89 -15.18 -3.92
C GLY C 163 -18.28 -14.80 -3.46
N SER C 164 -19.31 -15.41 -4.02
CA SER C 164 -20.65 -15.09 -3.60
C SER C 164 -20.66 -15.28 -2.08
N LEU C 165 -20.18 -16.44 -1.64
CA LEU C 165 -20.13 -16.75 -0.22
C LEU C 165 -18.84 -16.20 0.40
N SER C 166 -18.94 -15.13 1.20
CA SER C 166 -17.75 -14.50 1.79
C SER C 166 -17.81 -14.16 3.28
N SER C 167 -18.90 -14.51 3.93
CA SER C 167 -19.00 -14.24 5.36
C SER C 167 -18.59 -15.49 6.12
N GLY C 168 -17.73 -15.31 7.11
CA GLY C 168 -17.27 -16.42 7.91
C GLY C 168 -16.07 -17.13 7.30
N VAL C 169 -15.38 -16.40 6.42
CA VAL C 169 -14.20 -16.94 5.77
C VAL C 169 -12.96 -16.42 6.46
N HIS C 170 -11.88 -17.19 6.43
CA HIS C 170 -10.63 -16.82 7.07
C HIS C 170 -9.40 -17.35 6.34
N THR C 171 -8.89 -16.53 5.43
CA THR C 171 -7.70 -16.88 4.68
C THR C 171 -6.51 -16.40 5.50
N PHE C 172 -5.64 -17.35 5.84
CA PHE C 172 -4.49 -17.03 6.65
C PHE C 172 -3.28 -16.63 5.85
N PRO C 173 -2.42 -15.82 6.46
CA PRO C 173 -1.20 -15.34 5.83
C PRO C 173 -0.35 -16.57 5.48
N ALA C 174 0.26 -16.54 4.30
CA ALA C 174 1.07 -17.65 3.83
C ALA C 174 2.43 -17.69 4.51
N VAL C 175 2.93 -18.91 4.71
CA VAL C 175 4.24 -19.10 5.29
C VAL C 175 5.14 -19.67 4.18
N LEU C 176 6.40 -19.26 4.21
CA LEU C 176 7.36 -19.73 3.21
C LEU C 176 8.17 -20.85 3.84
N GLN C 177 8.34 -21.93 3.09
CA GLN C 177 9.09 -23.06 3.57
C GLN C 177 9.90 -23.61 2.42
N SER C 178 11.22 -23.54 2.54
CA SER C 178 12.09 -24.05 1.50
C SER C 178 11.73 -23.45 0.15
N ASP C 179 11.63 -22.13 0.10
CA ASP C 179 11.28 -21.43 -1.14
C ASP C 179 9.95 -21.85 -1.74
N LEU C 180 8.99 -22.18 -0.88
CA LEU C 180 7.67 -22.61 -1.32
C LEU C 180 6.67 -22.12 -0.29
N TYR C 181 5.64 -21.45 -0.78
CA TYR C 181 4.61 -20.89 0.09
C TYR C 181 3.48 -21.86 0.37
N THR C 182 2.84 -21.65 1.53
CA THR C 182 1.70 -22.45 1.95
C THR C 182 0.70 -21.60 2.73
N LEU C 183 -0.58 -21.87 2.51
CA LEU C 183 -1.63 -21.14 3.18
C LEU C 183 -2.92 -21.98 3.26
N SER C 184 -3.80 -21.56 4.16
CA SER C 184 -5.07 -22.24 4.40
C SER C 184 -6.22 -21.22 4.43
N SER C 185 -7.44 -21.72 4.27
CA SER C 185 -8.62 -20.87 4.30
C SER C 185 -9.83 -21.63 4.83
N SER C 186 -10.46 -21.09 5.86
CA SER C 186 -11.60 -21.73 6.48
C SER C 186 -12.88 -20.98 6.28
N VAL C 187 -13.85 -21.65 5.70
CA VAL C 187 -15.10 -20.99 5.51
C VAL C 187 -16.03 -21.66 6.50
N THR C 188 -16.94 -20.91 7.07
CA THR C 188 -17.86 -21.55 7.98
C THR C 188 -19.26 -21.21 7.60
N VAL C 189 -20.07 -22.24 7.33
CA VAL C 189 -21.47 -22.04 6.96
C VAL C 189 -22.29 -22.71 8.02
N THR C 190 -23.53 -22.88 7.67
CA THR C 190 -24.52 -23.49 8.51
C THR C 190 -24.82 -24.90 7.96
N SER C 191 -25.01 -25.88 8.85
CA SER C 191 -25.20 -27.28 8.41
C SER C 191 -26.37 -27.51 7.48
N SER C 192 -27.38 -26.67 7.66
CA SER C 192 -28.59 -26.72 6.89
C SER C 192 -28.27 -26.59 5.41
N THR C 193 -27.15 -25.94 5.13
CA THR C 193 -26.75 -25.71 3.75
C THR C 193 -25.68 -26.63 3.18
N TRP C 194 -24.97 -27.35 4.05
CA TRP C 194 -23.93 -28.27 3.57
C TRP C 194 -24.12 -29.65 4.21
N PRO C 195 -24.01 -30.73 3.41
CA PRO C 195 -23.73 -30.69 1.98
C PRO C 195 -24.94 -30.31 1.13
N SER C 196 -25.97 -29.76 1.78
CA SER C 196 -27.20 -29.35 1.10
C SER C 196 -26.89 -28.81 -0.29
N GLN C 197 -26.25 -27.65 -0.30
CA GLN C 197 -25.85 -26.99 -1.54
C GLN C 197 -24.32 -27.08 -1.57
N SER C 198 -23.77 -27.16 -2.77
CA SER C 198 -22.32 -27.28 -2.93
C SER C 198 -21.57 -26.09 -2.38
N ILE C 199 -20.30 -26.34 -2.07
CA ILE C 199 -19.40 -25.32 -1.56
C ILE C 199 -18.02 -25.48 -2.20
N THR C 200 -17.81 -24.70 -3.26
CA THR C 200 -16.55 -24.74 -3.99
C THR C 200 -15.56 -23.71 -3.50
N CYS C 201 -14.31 -24.10 -3.56
CA CYS C 201 -13.20 -23.29 -3.12
C CYS C 201 -12.42 -22.85 -4.36
N ASN C 202 -12.39 -21.54 -4.60
CA ASN C 202 -11.72 -20.97 -5.77
C ASN C 202 -10.34 -20.37 -5.53
N VAL C 203 -9.30 -21.12 -5.87
CA VAL C 203 -7.92 -20.67 -5.69
C VAL C 203 -7.35 -20.17 -7.02
N ALA C 204 -6.43 -19.20 -6.94
CA ALA C 204 -5.79 -18.62 -8.13
C ALA C 204 -4.37 -18.10 -7.92
N HIS C 205 -3.49 -18.50 -8.82
CA HIS C 205 -2.09 -18.09 -8.77
C HIS C 205 -1.77 -17.42 -10.10
N PRO C 206 -1.75 -16.08 -10.11
CA PRO C 206 -1.46 -15.34 -11.34
C PRO C 206 -0.13 -15.75 -11.95
N ALA C 207 0.93 -15.78 -11.13
CA ALA C 207 2.25 -16.14 -11.61
C ALA C 207 2.30 -17.40 -12.46
N SER C 208 1.80 -18.51 -11.93
CA SER C 208 1.81 -19.78 -12.65
C SER C 208 0.64 -19.87 -13.62
N SER C 209 -0.06 -18.76 -13.79
CA SER C 209 -1.21 -18.69 -14.70
C SER C 209 -2.15 -19.84 -14.44
N THR C 210 -2.37 -20.12 -13.17
CA THR C 210 -3.22 -21.23 -12.84
C THR C 210 -4.42 -20.80 -12.01
N LYS C 211 -5.50 -21.56 -12.12
CA LYS C 211 -6.73 -21.31 -11.36
C LYS C 211 -7.39 -22.65 -11.14
N VAL C 212 -7.78 -22.95 -9.91
CA VAL C 212 -8.43 -24.22 -9.62
C VAL C 212 -9.63 -24.07 -8.71
N ASP C 213 -10.59 -24.96 -8.91
CA ASP C 213 -11.82 -25.00 -8.14
C ASP C 213 -11.96 -26.39 -7.54
N LYS C 214 -12.13 -26.42 -6.23
CA LYS C 214 -12.31 -27.68 -5.53
C LYS C 214 -13.65 -27.61 -4.84
N LYS C 215 -14.56 -28.48 -5.26
CA LYS C 215 -15.86 -28.53 -4.63
C LYS C 215 -15.59 -29.36 -3.38
N ILE C 216 -16.07 -28.89 -2.24
CA ILE C 216 -15.87 -29.63 -1.01
C ILE C 216 -16.94 -30.68 -0.82
N VAL C 217 -16.49 -31.91 -0.77
CA VAL C 217 -17.33 -33.08 -0.62
C VAL C 217 -16.99 -33.85 0.65
N PRO C 218 -18.01 -34.29 1.40
CA PRO C 218 -17.80 -35.05 2.64
C PRO C 218 -17.03 -36.35 2.43
N GLN C 219 -16.06 -36.60 3.29
CA GLN C 219 -15.23 -37.81 3.22
C GLN C 219 -16.04 -39.09 3.17
N VAL C 220 -15.48 -40.12 2.54
CA VAL C 220 -16.14 -41.43 2.42
C VAL C 220 -15.82 -42.35 3.60
#